data_6FSF
#
_entry.id   6FSF
#
_cell.length_a   85.370
_cell.length_b   85.370
_cell.length_c   63.970
_cell.angle_alpha   90.00
_cell.angle_beta   90.00
_cell.angle_gamma   120.00
#
_symmetry.space_group_name_H-M   'P 62'
#
loop_
_entity.id
_entity.type
_entity.pdbx_description
1 polymer 'GTPase-activating protein BEM3'
2 water water
#
_entity_poly.entity_id   1
_entity_poly.type   'polypeptide(L)'
_entity_poly.pdbx_seq_one_letter_code
;GHMKSDIPLFVQPEDFGTIQIEVLSTLYRDNEDDLSILIAIIDRKSGKEMFKFSKSIHKVRELDVYMKSHVPDLPLPTLP
DRQLFQTLSPTKVDTRKNILNQYYTSIFSVPEFPKNVGLKIAQFISTDTVMTPPMMDDNVKDGSLLLRRPKTLTGNSTWR
VRYGILRDDVLQLFDKNQLTETIKLRQSSIELIPNLPEDRFGTRNGFLITEHKKSGLSTSTKYYICTETSKERELWLSAF
SDYIDPSQSLSLSSSRNANDTDSASHLSA
;
_entity_poly.pdbx_strand_id   A
#
# COMPACT_ATOMS: atom_id res chain seq x y z
N ASP A 6 -25.36 -11.21 14.00
CA ASP A 6 -24.59 -10.57 12.93
C ASP A 6 -23.49 -9.68 13.49
N ILE A 7 -22.60 -9.23 12.61
CA ILE A 7 -21.57 -8.26 12.92
C ILE A 7 -21.92 -7.00 12.14
N PRO A 8 -21.84 -5.80 12.73
CA PRO A 8 -22.35 -4.61 12.04
C PRO A 8 -21.69 -4.38 10.69
N LEU A 9 -22.52 -4.09 9.70
CA LEU A 9 -22.08 -3.88 8.32
C LEU A 9 -21.97 -2.39 8.02
N PHE A 10 -20.81 -1.97 7.53
CA PHE A 10 -20.63 -0.58 7.14
C PHE A 10 -21.32 -0.27 5.82
N VAL A 11 -21.35 -1.22 4.90
CA VAL A 11 -21.99 -1.06 3.60
C VAL A 11 -22.81 -2.32 3.32
N GLN A 12 -24.10 -2.15 3.05
CA GLN A 12 -24.96 -3.28 2.74
C GLN A 12 -24.53 -3.89 1.40
N PRO A 13 -24.65 -5.21 1.25
CA PRO A 13 -24.21 -5.83 -0.02
C PRO A 13 -24.92 -5.27 -1.25
N GLU A 14 -26.20 -4.93 -1.13
CA GLU A 14 -26.93 -4.37 -2.27
C GLU A 14 -26.43 -2.99 -2.67
N ASP A 15 -25.56 -2.37 -1.86
CA ASP A 15 -25.06 -1.03 -2.14
C ASP A 15 -23.57 -1.03 -2.51
N PHE A 16 -23.01 -2.19 -2.87
CA PHE A 16 -21.61 -2.24 -3.27
C PHE A 16 -21.33 -1.40 -4.52
N GLY A 17 -22.35 -1.14 -5.33
CA GLY A 17 -22.14 -0.37 -6.54
C GLY A 17 -21.93 1.11 -6.31
N THR A 18 -22.23 1.60 -5.12
CA THR A 18 -22.12 3.02 -4.81
C THR A 18 -20.79 3.41 -4.19
N ILE A 19 -19.81 2.50 -4.17
CA ILE A 19 -18.53 2.79 -3.53
C ILE A 19 -17.40 2.55 -4.54
N GLN A 20 -16.33 3.32 -4.37
CA GLN A 20 -15.07 3.07 -5.05
C GLN A 20 -14.04 2.62 -4.02
N ILE A 21 -13.08 1.82 -4.46
CA ILE A 21 -12.00 1.36 -3.60
C ILE A 21 -10.68 1.93 -4.12
N GLU A 22 -9.73 2.09 -3.20
CA GLU A 22 -8.37 2.49 -3.56
C GLU A 22 -7.41 1.83 -2.59
N VAL A 23 -6.60 0.91 -3.11
CA VAL A 23 -5.54 0.30 -2.32
C VAL A 23 -4.45 1.36 -2.14
N LEU A 24 -4.27 1.82 -0.90
CA LEU A 24 -3.33 2.90 -0.64
C LEU A 24 -1.91 2.43 -0.39
N SER A 25 -1.74 1.21 0.12
CA SER A 25 -0.43 0.73 0.51
C SER A 25 -0.49 -0.77 0.77
N THR A 26 0.68 -1.42 0.60
CA THR A 26 0.90 -2.79 1.05
C THR A 26 2.07 -2.87 2.01
N LEU A 27 2.47 -1.73 2.59
CA LEU A 27 3.53 -1.67 3.59
C LEU A 27 3.03 -1.11 4.91
N TYR A 28 1.72 -1.13 5.12
CA TYR A 28 1.13 -0.55 6.32
C TYR A 28 1.33 -1.49 7.52
N ARG A 29 1.70 -0.90 8.65
CA ARG A 29 1.86 -1.62 9.91
C ARG A 29 0.55 -1.51 10.71
N ASP A 30 -0.08 -2.65 10.97
CA ASP A 30 -1.40 -2.69 11.59
C ASP A 30 -1.26 -2.70 13.11
N ASN A 31 -2.29 -3.18 13.81
CA ASN A 31 -2.29 -3.18 15.27
C ASN A 31 -1.20 -4.10 15.83
N GLU A 32 -0.92 -5.21 15.14
CA GLU A 32 0.13 -6.14 15.55
C GLU A 32 1.48 -5.84 14.90
N ASP A 33 1.61 -4.68 14.23
CA ASP A 33 2.88 -4.22 13.67
C ASP A 33 3.44 -5.18 12.62
N ASP A 34 2.56 -5.80 11.85
CA ASP A 34 2.96 -6.58 10.68
C ASP A 34 2.57 -5.83 9.42
N LEU A 35 3.35 -6.01 8.37
CA LEU A 35 3.04 -5.39 7.08
C LEU A 35 1.70 -5.90 6.58
N SER A 36 0.82 -4.98 6.19
CA SER A 36 -0.52 -5.33 5.76
C SER A 36 -0.95 -4.38 4.64
N ILE A 37 -2.15 -4.63 4.12
CA ILE A 37 -2.67 -3.94 2.95
C ILE A 37 -3.71 -2.93 3.41
N LEU A 38 -3.43 -1.65 3.22
CA LEU A 38 -4.34 -0.58 3.60
C LEU A 38 -5.26 -0.23 2.43
N ILE A 39 -6.56 -0.26 2.67
CA ILE A 39 -7.57 -0.10 1.62
C ILE A 39 -8.54 0.99 2.04
N ALA A 40 -8.85 1.90 1.11
CA ALA A 40 -9.77 2.99 1.37
C ALA A 40 -11.09 2.74 0.64
N ILE A 41 -12.19 2.99 1.34
CA ILE A 41 -13.53 2.88 0.79
C ILE A 41 -14.09 4.29 0.62
N ILE A 42 -14.57 4.59 -0.59
CA ILE A 42 -14.92 5.94 -0.98
C ILE A 42 -16.34 5.95 -1.52
N ASP A 43 -17.14 6.91 -1.05
CA ASP A 43 -18.49 7.10 -1.59
C ASP A 43 -18.40 7.68 -3.00
N ARG A 44 -19.08 7.01 -3.95
CA ARG A 44 -18.94 7.37 -5.36
C ARG A 44 -19.42 8.80 -5.63
N LYS A 45 -20.63 9.13 -5.17
CA LYS A 45 -21.23 10.41 -5.55
C LYS A 45 -20.55 11.58 -4.85
N SER A 46 -20.26 11.46 -3.55
CA SER A 46 -19.59 12.54 -2.85
C SER A 46 -18.10 12.58 -3.13
N GLY A 47 -17.50 11.42 -3.45
CA GLY A 47 -16.06 11.35 -3.56
C GLY A 47 -15.33 11.46 -2.25
N LYS A 48 -16.04 11.36 -1.12
CA LYS A 48 -15.43 11.46 0.19
C LYS A 48 -14.98 10.08 0.68
N GLU A 49 -13.84 10.05 1.35
CA GLU A 49 -13.31 8.80 1.92
C GLU A 49 -14.09 8.47 3.18
N MET A 50 -14.84 7.37 3.15
CA MET A 50 -15.70 7.04 4.28
C MET A 50 -14.92 6.35 5.41
N PHE A 51 -14.04 5.41 5.08
CA PHE A 51 -13.23 4.74 6.09
C PHE A 51 -12.08 4.00 5.41
N LYS A 52 -11.15 3.53 6.23
CA LYS A 52 -10.07 2.67 5.79
C LYS A 52 -10.05 1.41 6.65
N PHE A 53 -9.42 0.37 6.11
CA PHE A 53 -9.22 -0.85 6.87
C PHE A 53 -7.91 -1.50 6.41
N SER A 54 -7.44 -2.46 7.20
CA SER A 54 -6.14 -3.08 6.98
C SER A 54 -6.30 -4.59 7.02
N LYS A 55 -5.69 -5.28 6.05
CA LYS A 55 -5.76 -6.73 5.98
C LYS A 55 -4.38 -7.26 5.61
N SER A 56 -3.99 -8.35 6.27
CA SER A 56 -2.80 -9.08 5.82
C SER A 56 -3.10 -9.79 4.50
N ILE A 57 -2.04 -10.16 3.79
CA ILE A 57 -2.21 -10.86 2.53
C ILE A 57 -2.90 -12.20 2.76
N HIS A 58 -2.67 -12.81 3.92
CA HIS A 58 -3.34 -14.07 4.24
C HIS A 58 -4.85 -13.89 4.35
N LYS A 59 -5.30 -12.81 4.99
CA LYS A 59 -6.74 -12.57 5.09
C LYS A 59 -7.34 -12.32 3.72
N VAL A 60 -6.59 -11.64 2.84
CA VAL A 60 -7.08 -11.38 1.48
C VAL A 60 -7.30 -12.69 0.73
N ARG A 61 -6.32 -13.60 0.81
CA ARG A 61 -6.47 -14.88 0.14
C ARG A 61 -7.59 -15.71 0.76
N GLU A 62 -7.81 -15.57 2.07
CA GLU A 62 -8.86 -16.32 2.73
C GLU A 62 -10.23 -15.97 2.17
N LEU A 63 -10.53 -14.67 2.05
CA LEU A 63 -11.79 -14.27 1.45
C LEU A 63 -11.87 -14.70 -0.01
N ASP A 64 -10.74 -14.62 -0.72
CA ASP A 64 -10.70 -15.10 -2.10
C ASP A 64 -11.03 -16.58 -2.18
N VAL A 65 -10.45 -17.39 -1.28
CA VAL A 65 -10.74 -18.82 -1.28
C VAL A 65 -12.23 -19.06 -1.04
N TYR A 66 -12.84 -18.30 -0.12
CA TYR A 66 -14.26 -18.44 0.15
C TYR A 66 -15.08 -18.16 -1.10
N MET A 67 -14.67 -17.17 -1.89
CA MET A 67 -15.48 -16.76 -3.05
C MET A 67 -15.36 -17.78 -4.18
N LYS A 68 -14.16 -18.28 -4.44
CA LYS A 68 -13.99 -19.27 -5.49
C LYS A 68 -14.90 -20.47 -5.25
N SER A 69 -15.13 -20.83 -3.99
CA SER A 69 -15.84 -22.05 -3.64
C SER A 69 -17.35 -21.87 -3.57
N HIS A 70 -17.83 -20.66 -3.29
CA HIS A 70 -19.26 -20.43 -3.16
C HIS A 70 -19.88 -19.77 -4.37
N VAL A 71 -19.08 -19.23 -5.29
CA VAL A 71 -19.59 -18.80 -6.59
C VAL A 71 -18.65 -19.34 -7.66
N PRO A 72 -18.68 -20.63 -7.98
CA PRO A 72 -17.75 -21.15 -9.01
C PRO A 72 -18.10 -20.68 -10.41
N ASP A 73 -19.38 -20.43 -10.71
CA ASP A 73 -19.79 -20.15 -12.07
C ASP A 73 -19.60 -18.70 -12.50
N LEU A 74 -19.26 -17.80 -11.58
CA LEU A 74 -19.13 -16.44 -12.05
C LEU A 74 -17.66 -16.03 -12.11
N PRO A 75 -17.24 -15.35 -13.17
CA PRO A 75 -15.82 -14.99 -13.29
C PRO A 75 -15.37 -14.02 -12.21
N LEU A 76 -14.18 -14.26 -11.67
CA LEU A 76 -13.61 -13.48 -10.59
C LEU A 76 -12.17 -13.11 -10.91
N PRO A 77 -11.70 -11.94 -10.46
CA PRO A 77 -10.33 -11.53 -10.78
C PRO A 77 -9.30 -12.37 -10.03
N THR A 78 -8.04 -12.15 -10.38
CA THR A 78 -6.93 -12.96 -9.91
C THR A 78 -6.06 -12.15 -8.96
N LEU A 79 -5.72 -12.74 -7.81
CA LEU A 79 -4.87 -12.09 -6.84
C LEU A 79 -3.43 -12.01 -7.34
N PRO A 80 -2.63 -11.09 -6.79
CA PRO A 80 -1.21 -11.07 -7.13
C PRO A 80 -0.51 -12.35 -6.67
N ASP A 81 0.50 -12.73 -7.42
CA ASP A 81 1.20 -13.99 -7.17
C ASP A 81 1.90 -13.96 -5.81
N ARG A 82 2.09 -15.15 -5.24
CA ARG A 82 2.77 -15.27 -3.95
C ARG A 82 4.23 -14.83 -4.02
N GLN A 83 4.83 -14.87 -5.20
CA GLN A 83 6.22 -14.44 -5.35
C GLN A 83 6.38 -12.93 -5.16
N LEU A 84 5.32 -12.16 -5.42
CA LEU A 84 5.35 -10.72 -5.20
C LEU A 84 5.45 -10.37 -3.71
N PHE A 85 5.25 -11.33 -2.82
CA PHE A 85 5.30 -11.10 -1.38
C PHE A 85 6.42 -11.87 -0.70
N GLN A 86 7.42 -12.32 -1.46
CA GLN A 86 8.47 -13.16 -0.90
C GLN A 86 9.76 -12.38 -0.65
N THR A 87 10.38 -11.86 -1.70
CA THR A 87 11.57 -11.01 -1.57
C THR A 87 11.16 -9.57 -1.80
N LEU A 88 11.40 -8.72 -0.80
CA LEU A 88 10.97 -7.32 -0.85
C LEU A 88 11.83 -6.54 -1.84
N SER A 89 11.20 -6.01 -2.89
CA SER A 89 11.86 -5.15 -3.87
C SER A 89 10.88 -4.05 -4.28
N PRO A 90 11.38 -2.87 -4.63
CA PRO A 90 10.46 -1.78 -5.00
C PRO A 90 9.59 -2.09 -6.20
N THR A 91 10.10 -2.82 -7.19
CA THR A 91 9.31 -3.08 -8.38
C THR A 91 8.19 -4.07 -8.11
N LYS A 92 8.38 -5.00 -7.16
CA LYS A 92 7.30 -5.91 -6.78
C LYS A 92 6.24 -5.18 -5.95
N VAL A 93 6.68 -4.32 -5.04
CA VAL A 93 5.75 -3.54 -4.21
C VAL A 93 4.85 -2.69 -5.09
N ASP A 94 5.44 -2.04 -6.10
CA ASP A 94 4.66 -1.24 -7.03
C ASP A 94 3.65 -2.08 -7.79
N THR A 95 4.07 -3.27 -8.24
CA THR A 95 3.21 -4.08 -9.09
C THR A 95 2.04 -4.67 -8.33
N ARG A 96 2.31 -5.27 -7.17
CA ARG A 96 1.25 -5.97 -6.43
C ARG A 96 0.17 -5.01 -5.95
N LYS A 97 0.50 -3.74 -5.77
CA LYS A 97 -0.51 -2.75 -5.39
C LYS A 97 -1.46 -2.48 -6.55
N ASN A 98 -0.95 -2.48 -7.79
CA ASN A 98 -1.81 -2.26 -8.94
C ASN A 98 -2.73 -3.44 -9.19
N ILE A 99 -2.22 -4.67 -9.01
CA ILE A 99 -3.05 -5.85 -9.20
C ILE A 99 -4.15 -5.89 -8.15
N LEU A 100 -3.82 -5.53 -6.91
CA LEU A 100 -4.84 -5.52 -5.85
C LEU A 100 -5.91 -4.47 -6.12
N ASN A 101 -5.51 -3.32 -6.68
CA ASN A 101 -6.48 -2.31 -7.07
C ASN A 101 -7.44 -2.85 -8.12
N GLN A 102 -6.90 -3.50 -9.16
CA GLN A 102 -7.75 -4.13 -10.17
C GLN A 102 -8.63 -5.20 -9.56
N TYR A 103 -8.09 -5.96 -8.61
CA TYR A 103 -8.83 -7.06 -8.01
C TYR A 103 -10.07 -6.57 -7.27
N TYR A 104 -9.89 -5.62 -6.36
CA TYR A 104 -11.01 -5.21 -5.51
C TYR A 104 -11.97 -4.28 -6.24
N THR A 105 -11.50 -3.59 -7.28
CA THR A 105 -12.42 -2.84 -8.13
C THR A 105 -13.39 -3.79 -8.82
N SER A 106 -12.90 -4.96 -9.27
CA SER A 106 -13.76 -5.92 -9.92
C SER A 106 -14.74 -6.55 -8.93
N ILE A 107 -14.29 -6.80 -7.70
CA ILE A 107 -15.12 -7.47 -6.71
C ILE A 107 -16.38 -6.64 -6.45
N PHE A 108 -16.22 -5.36 -6.11
CA PHE A 108 -17.35 -4.50 -5.81
C PHE A 108 -18.05 -3.98 -7.07
N SER A 109 -17.71 -4.51 -8.24
CA SER A 109 -18.41 -4.19 -9.47
C SER A 109 -19.32 -5.31 -9.94
N VAL A 110 -19.25 -6.49 -9.32
CA VAL A 110 -20.16 -7.59 -9.67
C VAL A 110 -21.59 -7.17 -9.33
N PRO A 111 -22.55 -7.34 -10.24
CA PRO A 111 -23.91 -6.85 -9.95
C PRO A 111 -24.55 -7.53 -8.75
N GLU A 112 -24.51 -8.86 -8.68
CA GLU A 112 -25.18 -9.57 -7.59
C GLU A 112 -24.33 -10.73 -7.11
N PHE A 113 -24.20 -10.86 -5.80
CA PHE A 113 -23.64 -12.01 -5.10
C PHE A 113 -24.76 -12.76 -4.39
N PRO A 114 -24.60 -14.07 -4.16
CA PRO A 114 -25.51 -14.77 -3.27
C PRO A 114 -25.50 -14.14 -1.88
N LYS A 115 -26.60 -14.34 -1.16
CA LYS A 115 -26.80 -13.64 0.11
C LYS A 115 -25.68 -13.97 1.11
N ASN A 116 -25.23 -15.22 1.14
CA ASN A 116 -24.17 -15.59 2.07
C ASN A 116 -22.83 -14.95 1.69
N VAL A 117 -22.52 -14.93 0.39
CA VAL A 117 -21.24 -14.39 -0.05
C VAL A 117 -21.20 -12.88 0.11
N GLY A 118 -22.30 -12.20 -0.22
CA GLY A 118 -22.34 -10.75 -0.07
C GLY A 118 -22.15 -10.32 1.37
N LEU A 119 -22.72 -11.08 2.31
CA LEU A 119 -22.54 -10.75 3.72
C LEU A 119 -21.08 -10.93 4.14
N LYS A 120 -20.44 -12.00 3.67
CA LYS A 120 -19.04 -12.24 4.02
C LYS A 120 -18.14 -11.10 3.54
N ILE A 121 -18.38 -10.61 2.32
CA ILE A 121 -17.62 -9.48 1.81
C ILE A 121 -17.89 -8.23 2.64
N ALA A 122 -19.15 -8.02 3.02
CA ALA A 122 -19.50 -6.86 3.84
C ALA A 122 -18.83 -6.93 5.20
N GLN A 123 -18.85 -8.11 5.82
CA GLN A 123 -18.16 -8.29 7.09
C GLN A 123 -16.66 -8.07 6.93
N PHE A 124 -16.11 -8.43 5.76
CA PHE A 124 -14.69 -8.26 5.52
C PHE A 124 -14.27 -6.79 5.65
N ILE A 125 -14.98 -5.89 4.95
CA ILE A 125 -14.61 -4.47 4.96
C ILE A 125 -15.12 -3.74 6.20
N SER A 126 -15.91 -4.39 7.05
CA SER A 126 -16.41 -3.80 8.27
C SER A 126 -15.56 -4.15 9.49
N THR A 127 -14.40 -4.78 9.29
CA THR A 127 -13.51 -5.16 10.37
C THR A 127 -12.12 -4.61 10.09
N ASP A 128 -11.27 -4.64 11.12
CA ASP A 128 -9.91 -4.11 11.06
C ASP A 128 -9.91 -2.65 10.58
N THR A 129 -10.88 -1.88 11.06
CA THR A 129 -11.02 -0.49 10.64
C THR A 129 -9.81 0.32 11.09
N VAL A 130 -9.39 1.24 10.23
CA VAL A 130 -8.23 2.09 10.47
C VAL A 130 -8.69 3.53 10.45
N MET A 131 -8.29 4.29 11.47
CA MET A 131 -8.65 5.70 11.61
C MET A 131 -7.38 6.53 11.64
N THR A 132 -7.13 7.27 10.55
CA THR A 132 -6.01 8.19 10.52
C THR A 132 -6.50 9.59 10.15
N PRO A 133 -6.03 10.62 10.86
CA PRO A 133 -6.43 12.02 10.63
C PRO A 133 -5.84 12.58 9.33
N VAL A 140 5.18 19.65 5.98
CA VAL A 140 5.26 18.35 6.63
C VAL A 140 4.78 17.25 5.68
N LYS A 141 5.67 16.31 5.38
CA LYS A 141 5.38 15.20 4.47
C LYS A 141 5.78 13.90 5.14
N ASP A 142 4.99 12.85 4.91
CA ASP A 142 5.25 11.55 5.52
C ASP A 142 4.78 10.45 4.57
N GLY A 143 5.02 9.22 4.98
CA GLY A 143 4.63 8.07 4.19
C GLY A 143 5.60 6.92 4.39
N SER A 144 5.18 5.75 3.92
CA SER A 144 6.01 4.56 3.98
C SER A 144 7.04 4.60 2.85
N LEU A 145 8.26 4.16 3.17
CA LEU A 145 9.36 4.21 2.20
C LEU A 145 10.13 2.90 2.25
N LEU A 146 10.90 2.65 1.19
CA LEU A 146 11.79 1.50 1.10
C LEU A 146 13.22 2.01 1.01
N LEU A 147 14.09 1.48 1.87
CA LEU A 147 15.44 2.00 2.06
C LEU A 147 16.48 0.93 1.76
N ARG A 148 17.53 1.33 1.03
CA ARG A 148 18.67 0.47 0.74
C ARG A 148 19.95 1.23 1.00
N ARG A 149 20.99 0.51 1.40
CA ARG A 149 22.32 1.05 1.62
C ARG A 149 23.33 0.33 0.73
N PRO A 150 24.39 1.02 0.30
CA PRO A 150 25.43 0.44 -0.56
C PRO A 150 26.06 -0.83 0.03
N ASN A 156 25.25 -7.29 -0.82
CA ASN A 156 24.80 -7.01 0.54
C ASN A 156 24.05 -5.69 0.60
N SER A 157 22.95 -5.60 -0.17
CA SER A 157 22.15 -4.38 -0.27
C SER A 157 20.68 -4.77 -0.41
N THR A 158 20.07 -5.11 0.72
CA THR A 158 18.66 -5.45 0.76
C THR A 158 17.83 -4.21 1.09
N TRP A 159 16.54 -4.30 0.78
CA TRP A 159 15.59 -3.24 1.08
C TRP A 159 14.91 -3.49 2.42
N ARG A 160 14.54 -2.40 3.09
CA ARG A 160 13.88 -2.45 4.38
C ARG A 160 12.82 -1.36 4.44
N VAL A 161 11.70 -1.68 5.10
CA VAL A 161 10.58 -0.74 5.22
C VAL A 161 10.93 0.32 6.25
N ARG A 162 10.73 1.58 5.89
CA ARG A 162 10.95 2.70 6.78
C ARG A 162 9.75 3.63 6.71
N TYR A 163 9.48 4.35 7.80
CA TYR A 163 8.48 5.40 7.83
C TYR A 163 9.20 6.74 7.92
N GLY A 164 9.00 7.58 6.92
CA GLY A 164 9.70 8.85 6.83
C GLY A 164 8.84 10.01 7.30
N ILE A 165 9.48 10.90 8.07
CA ILE A 165 8.86 12.14 8.53
C ILE A 165 9.78 13.29 8.15
N LEU A 166 9.27 14.24 7.38
CA LEU A 166 10.00 15.46 7.07
C LEU A 166 9.71 16.49 8.14
N ARG A 167 10.75 16.85 8.92
CA ARG A 167 10.62 17.81 10.00
C ARG A 167 11.45 19.04 9.65
N ASP A 168 10.77 20.18 9.48
CA ASP A 168 11.40 21.41 9.02
C ASP A 168 12.13 21.15 7.70
N ASP A 169 13.46 21.08 7.75
CA ASP A 169 14.30 20.69 6.61
C ASP A 169 15.17 19.50 6.99
N VAL A 170 14.61 18.59 7.78
CA VAL A 170 15.33 17.40 8.26
C VAL A 170 14.41 16.20 8.09
N LEU A 171 14.95 15.12 7.51
CA LEU A 171 14.19 13.90 7.29
C LEU A 171 14.49 12.91 8.41
N GLN A 172 13.45 12.28 8.94
CA GLN A 172 13.58 11.28 10.00
C GLN A 172 12.98 9.96 9.51
N LEU A 173 13.71 8.87 9.71
CA LEU A 173 13.26 7.54 9.34
C LEU A 173 13.14 6.66 10.57
N PHE A 174 12.04 5.92 10.66
CA PHE A 174 11.73 5.08 11.80
C PHE A 174 11.57 3.64 11.35
N ASP A 175 12.07 2.71 12.16
CA ASP A 175 11.85 1.27 11.99
C ASP A 175 10.99 0.81 13.16
N LYS A 176 9.71 0.59 12.89
CA LYS A 176 8.74 0.16 13.91
C LYS A 176 8.72 1.15 15.08
N ASN A 177 8.59 2.43 14.72
CA ASN A 177 8.58 3.54 15.69
C ASN A 177 9.86 3.55 16.54
N GLN A 178 11.01 3.49 15.87
CA GLN A 178 12.30 3.69 16.52
C GLN A 178 13.21 4.44 15.54
N LEU A 179 13.72 5.59 15.97
CA LEU A 179 14.61 6.36 15.12
C LEU A 179 15.85 5.55 14.78
N THR A 180 15.98 5.21 13.48
CA THR A 180 17.15 4.52 12.97
C THR A 180 17.99 5.36 12.01
N GLU A 181 17.43 6.43 11.44
CA GLU A 181 18.15 7.31 10.53
C GLU A 181 17.62 8.73 10.68
N THR A 182 18.52 9.71 10.56
CA THR A 182 18.17 11.12 10.63
C THR A 182 19.03 11.88 9.63
N ILE A 183 18.40 12.70 8.79
CA ILE A 183 19.06 13.24 7.60
C ILE A 183 18.86 14.75 7.51
N LYS A 184 19.95 15.46 7.22
CA LYS A 184 19.91 16.89 6.94
C LYS A 184 19.77 17.10 5.43
N LEU A 185 18.76 17.86 5.02
CA LEU A 185 18.59 18.14 3.60
C LEU A 185 19.53 19.24 3.12
N ARG A 186 19.94 20.14 4.01
CA ARG A 186 20.83 21.22 3.60
C ARG A 186 22.23 20.72 3.29
N GLN A 187 22.64 19.61 3.92
CA GLN A 187 23.96 19.04 3.64
C GLN A 187 23.97 18.11 2.45
N SER A 188 22.80 17.70 1.97
CA SER A 188 22.68 16.58 1.05
C SER A 188 22.31 17.04 -0.35
N SER A 189 22.44 16.11 -1.30
CA SER A 189 22.03 16.29 -2.68
C SER A 189 21.06 15.18 -3.06
N ILE A 190 20.19 15.47 -4.03
CA ILE A 190 19.10 14.57 -4.40
C ILE A 190 19.09 14.39 -5.90
N GLU A 191 18.87 13.15 -6.34
CA GLU A 191 18.78 12.83 -7.77
C GLU A 191 17.80 11.67 -7.95
N LEU A 192 17.03 11.72 -9.03
CA LEU A 192 16.17 10.61 -9.38
C LEU A 192 16.99 9.44 -9.93
N ILE A 193 16.58 8.23 -9.57
CA ILE A 193 17.11 7.03 -10.20
C ILE A 193 16.11 6.60 -11.29
N PRO A 194 16.54 6.51 -12.54
CA PRO A 194 15.59 6.13 -13.60
C PRO A 194 15.08 4.71 -13.39
N ASN A 195 13.77 4.53 -13.58
CA ASN A 195 13.19 3.20 -13.45
C ASN A 195 13.83 2.22 -14.42
N LEU A 196 14.21 2.69 -15.60
CA LEU A 196 14.76 1.82 -16.63
C LEU A 196 16.13 2.34 -17.13
N PRO A 197 17.07 1.41 -17.36
CA PRO A 197 16.85 -0.04 -17.26
C PRO A 197 16.88 -0.55 -15.82
N GLU A 198 16.04 -1.56 -15.54
CA GLU A 198 15.94 -2.10 -14.19
C GLU A 198 17.30 -2.61 -13.71
N ASP A 199 17.74 -2.10 -12.56
CA ASP A 199 19.04 -2.46 -12.03
C ASP A 199 18.96 -3.78 -11.24
N ARG A 200 20.08 -4.18 -10.66
CA ARG A 200 20.15 -5.45 -9.95
C ARG A 200 19.49 -5.41 -8.58
N PHE A 201 18.90 -4.29 -8.18
CA PHE A 201 18.21 -4.17 -6.89
C PHE A 201 16.71 -4.04 -7.03
N GLY A 202 16.18 -3.98 -8.25
CA GLY A 202 14.76 -3.79 -8.43
C GLY A 202 14.29 -2.40 -8.10
N THR A 203 15.16 -1.40 -8.26
CA THR A 203 14.82 -0.03 -7.92
C THR A 203 13.67 0.47 -8.79
N ARG A 204 12.74 1.17 -8.17
CA ARG A 204 11.60 1.74 -8.89
C ARG A 204 11.02 2.86 -8.05
N ASN A 205 10.60 3.93 -8.72
CA ASN A 205 10.12 5.14 -8.05
C ASN A 205 11.15 5.64 -7.04
N GLY A 206 12.42 5.53 -7.40
CA GLY A 206 13.48 5.76 -6.45
C GLY A 206 14.30 7.02 -6.66
N PHE A 207 15.01 7.44 -5.61
CA PHE A 207 15.90 8.58 -5.67
C PHE A 207 17.02 8.37 -4.66
N LEU A 208 18.10 9.13 -4.84
CA LEU A 208 19.29 9.01 -4.01
C LEU A 208 19.52 10.29 -3.23
N ILE A 209 19.74 10.16 -1.93
CA ILE A 209 20.09 11.28 -1.06
C ILE A 209 21.53 11.08 -0.61
N THR A 210 22.40 12.02 -0.98
CA THR A 210 23.83 11.94 -0.67
C THR A 210 24.17 13.05 0.33
N GLU A 211 24.26 12.68 1.60
CA GLU A 211 24.44 13.64 2.70
C GLU A 211 25.91 13.88 2.96
N HIS A 212 26.32 15.15 2.92
CA HIS A 212 27.71 15.51 3.18
C HIS A 212 27.88 16.09 4.58
N SER A 220 30.95 11.58 2.75
CA SER A 220 29.57 11.57 2.29
C SER A 220 28.89 10.26 2.68
N THR A 221 27.57 10.23 2.51
CA THR A 221 26.78 9.03 2.76
C THR A 221 25.57 9.03 1.83
N LYS A 222 25.22 7.86 1.31
CA LYS A 222 24.20 7.73 0.28
C LYS A 222 23.07 6.83 0.78
N TYR A 223 21.83 7.32 0.68
CA TYR A 223 20.64 6.54 1.02
C TYR A 223 19.75 6.42 -0.22
N TYR A 224 19.40 5.18 -0.57
CA TYR A 224 18.51 4.92 -1.69
C TYR A 224 17.09 4.71 -1.16
N ILE A 225 16.15 5.51 -1.63
CA ILE A 225 14.80 5.54 -1.11
C ILE A 225 13.81 5.41 -2.27
N CYS A 226 12.84 4.51 -2.12
CA CYS A 226 11.81 4.31 -3.13
C CYS A 226 10.43 4.48 -2.48
N THR A 227 9.49 4.98 -3.26
CA THR A 227 8.10 5.07 -2.85
C THR A 227 7.29 3.94 -3.47
N GLU A 228 6.06 3.77 -2.97
CA GLU A 228 5.22 2.70 -3.47
C GLU A 228 4.63 3.02 -4.84
N THR A 229 4.46 4.30 -5.16
CA THR A 229 3.93 4.73 -6.45
C THR A 229 4.83 5.80 -7.04
N SER A 230 4.70 6.01 -8.35
CA SER A 230 5.45 7.08 -8.99
C SER A 230 4.90 8.45 -8.61
N LYS A 231 3.61 8.54 -8.29
CA LYS A 231 3.06 9.80 -7.81
C LYS A 231 3.65 10.17 -6.47
N GLU A 232 3.84 9.18 -5.59
CA GLU A 232 4.43 9.46 -4.29
C GLU A 232 5.86 9.96 -4.42
N ARG A 233 6.59 9.52 -5.45
CA ARG A 233 7.91 10.09 -5.69
C ARG A 233 7.81 11.55 -6.09
N GLU A 234 6.83 11.89 -6.93
CA GLU A 234 6.61 13.29 -7.28
C GLU A 234 6.31 14.11 -6.03
N LEU A 235 5.42 13.62 -5.17
CA LEU A 235 5.03 14.38 -3.98
C LEU A 235 6.21 14.54 -3.03
N TRP A 236 7.04 13.51 -2.89
CA TRP A 236 8.17 13.58 -1.96
C TRP A 236 9.23 14.55 -2.45
N LEU A 237 9.51 14.56 -3.76
CA LEU A 237 10.51 15.48 -4.29
C LEU A 237 10.09 16.93 -4.11
N SER A 238 8.80 17.22 -4.25
CA SER A 238 8.33 18.59 -4.04
C SER A 238 8.46 19.00 -2.59
N ALA A 239 8.26 18.05 -1.66
CA ALA A 239 8.51 18.33 -0.25
C ALA A 239 9.98 18.64 -0.02
N PHE A 240 10.88 17.88 -0.66
CA PHE A 240 12.28 18.26 -0.69
C PHE A 240 12.48 19.59 -1.41
N SER A 241 11.66 19.86 -2.42
CA SER A 241 11.79 21.02 -3.30
C SER A 241 13.17 21.08 -3.96
#